data_3AIS
#
_entry.id   3AIS
#
_cell.length_a   194.053
_cell.length_b   194.053
_cell.length_c   194.053
_cell.angle_alpha   90.00
_cell.angle_beta   90.00
_cell.angle_gamma   90.00
#
_symmetry.space_group_name_H-M   'P 41 3 2'
#
loop_
_entity.id
_entity.type
_entity.pdbx_description
1 polymer Beta-glucosidase
2 non-polymer beta-D-glucopyranose
3 non-polymer (2S)-2,4-dihydroxy-7-methoxy-2H-1,4-benzoxazin-3(4H)-one
4 water water
#
_entity_poly.entity_id   1
_entity_poly.type   'polypeptide(L)'
_entity_poly.pdbx_seq_one_letter_code
;MHHHHHHSSGLVPRGSGMKETAAAKFERQHMDSPDLGTDDDDKAMAGTPSKPAEPIGPVFTKLKPWQIPKRDWFDKDFLF
GASTSAYQIEGAWNEDGKGPSTWDHFCHTYPERISDMTNGDVAANSYHLYEEDVKALKDMGMKVYRFSISWSRILPDGTG
KVNQAGIDYYNKLINSLIDNDIVPYVTIWHWDTPQALEDKYGGFLNRQIVDDYKQFAEVCFKNFGDRVKNWFTFNAPHTY
CCFSYGEGIHAPGRCSPGMDCAVPEGDSLREPYTAGHHILLAHAEAVQLFKARYNMHGDSKIGMAFDVMGYEPYQDSFLD
DQARERSIDYNMGWFLEPVVRGDYPFSMRSLIGDRLPMFTKEEQEKLASSCDIMGLNYYTSRFSKHVDMSPDFTPTLNTD
DAYASSETTGSDGNDIGPITGTYWIYMYPKGLTDLLLIMKEKYGNPPVFITENGIADVEGDESMPDPLDDWKRLDYLQRH
ISAVKDAIDQGADVRGHFTWGLIDNFEWSLGYSSRFGLVYIDKNDGNKRKLKKSAKWFSKFNSVPKPLLKTTNNNATMTA
ASVSV
;
_entity_poly.pdbx_strand_id   A
#
# COMPACT_ATOMS: atom_id res chain seq x y z
N GLY A 57 28.86 -8.68 4.71
CA GLY A 57 28.28 -10.05 4.80
C GLY A 57 27.00 -10.09 5.61
N PRO A 58 25.83 -9.85 4.98
CA PRO A 58 25.70 -9.53 3.56
C PRO A 58 26.19 -8.11 3.23
N VAL A 59 27.37 -8.03 2.61
CA VAL A 59 27.98 -6.76 2.24
C VAL A 59 26.96 -5.68 1.89
N PHE A 60 26.81 -4.70 2.79
CA PHE A 60 25.85 -3.62 2.55
C PHE A 60 26.57 -2.27 2.57
N THR A 61 26.89 -1.76 1.39
CA THR A 61 27.60 -0.49 1.25
C THR A 61 26.69 0.72 1.42
N LYS A 62 27.08 1.64 2.29
CA LYS A 62 26.30 2.84 2.54
C LYS A 62 26.72 3.99 1.64
N LEU A 63 25.82 4.96 1.49
CA LEU A 63 26.10 6.14 0.70
C LEU A 63 27.25 6.91 1.31
N LYS A 64 27.99 7.65 0.48
CA LYS A 64 29.06 8.48 0.99
C LYS A 64 28.30 9.63 1.65
N PRO A 65 28.84 10.20 2.73
CA PRO A 65 28.15 11.31 3.41
C PRO A 65 27.66 12.47 2.55
N TRP A 66 28.40 12.81 1.48
CA TRP A 66 27.98 13.93 0.62
C TRP A 66 26.88 13.54 -0.35
N GLN A 67 26.49 12.27 -0.35
CA GLN A 67 25.44 11.79 -1.24
C GLN A 67 24.12 11.62 -0.47
N ILE A 68 24.11 12.01 0.80
CA ILE A 68 22.92 11.91 1.63
C ILE A 68 22.00 13.09 1.37
N PRO A 69 20.72 12.82 1.12
CA PRO A 69 19.76 13.90 0.87
C PRO A 69 19.66 14.92 1.99
N LYS A 70 19.39 16.16 1.63
CA LYS A 70 19.21 17.24 2.59
C LYS A 70 17.78 17.70 2.29
N ARG A 71 17.08 18.27 3.27
CA ARG A 71 15.72 18.70 3.03
C ARG A 71 15.59 19.71 1.89
N ASP A 72 16.57 20.62 1.80
CA ASP A 72 16.54 21.64 0.76
C ASP A 72 16.75 21.12 -0.67
N TRP A 73 16.89 19.82 -0.82
CA TRP A 73 17.02 19.23 -2.15
C TRP A 73 15.64 19.34 -2.78
N PHE A 74 14.61 19.40 -1.93
CA PHE A 74 13.24 19.48 -2.38
C PHE A 74 12.68 20.87 -2.03
N ASP A 75 11.69 21.34 -2.79
CA ASP A 75 11.16 22.66 -2.51
C ASP A 75 10.32 22.69 -1.24
N LYS A 76 9.95 23.91 -0.83
CA LYS A 76 9.18 24.09 0.39
C LYS A 76 7.85 23.37 0.45
N ASP A 77 7.22 23.15 -0.70
CA ASP A 77 5.93 22.48 -0.76
C ASP A 77 6.01 20.95 -0.72
N PHE A 78 7.20 20.39 -0.96
CA PHE A 78 7.35 18.94 -0.95
C PHE A 78 6.97 18.43 0.44
N LEU A 79 6.37 17.24 0.50
CA LEU A 79 5.94 16.70 1.79
C LEU A 79 6.53 15.37 2.24
N PHE A 80 7.12 15.38 3.43
CA PHE A 80 7.69 14.17 4.01
C PHE A 80 6.75 13.69 5.11
N GLY A 81 6.46 12.40 5.09
CA GLY A 81 5.58 11.83 6.10
C GLY A 81 5.85 10.36 6.32
N ALA A 82 4.87 9.68 6.92
CA ALA A 82 4.95 8.25 7.20
C ALA A 82 3.53 7.70 7.10
N SER A 83 3.41 6.39 6.91
CA SER A 83 2.11 5.76 6.77
C SER A 83 1.87 4.57 7.69
N THR A 84 0.60 4.25 7.89
CA THR A 84 0.16 3.12 8.69
C THR A 84 -1.21 2.72 8.14
N SER A 85 -1.77 1.62 8.63
CA SER A 85 -3.10 1.18 8.22
C SER A 85 -3.80 0.70 9.48
N ALA A 86 -5.10 0.87 9.54
CA ALA A 86 -5.92 0.51 10.70
C ALA A 86 -5.68 -0.87 11.32
N TYR A 87 -5.77 -1.93 10.53
CA TYR A 87 -5.62 -3.27 11.10
C TYR A 87 -4.17 -3.49 11.57
N GLN A 88 -3.21 -2.85 10.94
CA GLN A 88 -1.83 -3.09 11.31
C GLN A 88 -1.34 -2.42 12.60
N ILE A 89 -2.08 -1.44 13.11
CA ILE A 89 -1.66 -0.75 14.31
C ILE A 89 -2.70 -0.50 15.40
N GLU A 90 -3.96 -0.32 15.00
CA GLU A 90 -5.04 -0.01 15.94
C GLU A 90 -5.31 -0.92 17.13
N GLY A 91 -5.51 -2.21 16.89
CA GLY A 91 -5.83 -3.10 17.98
C GLY A 91 -7.29 -2.89 18.32
N ALA A 92 -7.68 -3.14 19.56
CA ALA A 92 -9.08 -2.95 19.98
C ALA A 92 -10.01 -3.48 18.89
N TRP A 93 -9.74 -4.68 18.40
CA TRP A 93 -10.51 -5.27 17.33
C TRP A 93 -12.01 -5.43 17.56
N ASN A 94 -12.43 -5.50 18.82
CA ASN A 94 -13.85 -5.65 19.15
C ASN A 94 -14.28 -4.72 20.27
N GLU A 95 -13.59 -3.59 20.38
CA GLU A 95 -13.89 -2.62 21.42
C GLU A 95 -14.88 -1.56 20.96
N ASP A 96 -15.65 -1.05 21.90
CA ASP A 96 -16.66 -0.01 21.66
C ASP A 96 -17.60 -0.23 20.47
N GLY A 97 -17.99 -1.49 20.25
CA GLY A 97 -18.91 -1.78 19.17
C GLY A 97 -18.34 -2.15 17.80
N LYS A 98 -17.03 -2.03 17.62
CA LYS A 98 -16.44 -2.36 16.34
C LYS A 98 -16.80 -3.78 15.92
N GLY A 99 -17.18 -3.94 14.65
CA GLY A 99 -17.52 -5.26 14.14
C GLY A 99 -16.26 -5.91 13.60
N PRO A 100 -16.28 -7.23 13.32
CA PRO A 100 -15.10 -7.92 12.80
C PRO A 100 -14.83 -7.69 11.31
N SER A 101 -13.55 -7.65 10.94
CA SER A 101 -13.16 -7.45 9.55
C SER A 101 -12.73 -8.81 9.01
N THR A 102 -12.49 -8.88 7.70
CA THR A 102 -12.05 -10.12 7.07
C THR A 102 -10.71 -10.57 7.67
N TRP A 103 -9.93 -9.61 8.20
CA TRP A 103 -8.65 -10.00 8.78
C TRP A 103 -8.83 -10.49 10.21
N ASP A 104 -9.79 -9.94 10.96
CA ASP A 104 -10.06 -10.44 12.32
C ASP A 104 -10.45 -11.90 12.14
N HIS A 105 -11.39 -12.12 11.22
CA HIS A 105 -11.92 -13.45 10.92
C HIS A 105 -10.84 -14.39 10.39
N PHE A 106 -10.05 -13.92 9.45
CA PHE A 106 -8.98 -14.74 8.88
C PHE A 106 -8.02 -15.23 9.96
N CYS A 107 -7.56 -14.32 10.81
CA CYS A 107 -6.63 -14.67 11.87
C CYS A 107 -7.27 -15.57 12.93
N HIS A 108 -8.51 -15.28 13.29
CA HIS A 108 -9.22 -16.04 14.30
C HIS A 108 -9.64 -17.47 13.90
N THR A 109 -9.88 -17.71 12.63
CA THR A 109 -10.26 -19.07 12.24
C THR A 109 -9.14 -19.85 11.56
N TYR A 110 -8.12 -19.16 11.07
CA TYR A 110 -6.99 -19.83 10.42
C TYR A 110 -5.68 -19.26 10.98
N PRO A 111 -5.53 -19.24 12.32
CA PRO A 111 -4.32 -18.70 12.96
C PRO A 111 -2.99 -19.19 12.41
N GLU A 112 -2.95 -20.43 11.95
CA GLU A 112 -1.73 -21.00 11.42
C GLU A 112 -1.25 -20.35 10.12
N ARG A 113 -2.15 -19.60 9.48
CA ARG A 113 -1.78 -18.94 8.22
C ARG A 113 -0.94 -17.69 8.47
N ILE A 114 -0.66 -17.41 9.73
CA ILE A 114 0.17 -16.27 10.09
C ILE A 114 1.51 -16.79 10.59
N SER A 115 2.57 -16.37 9.91
CA SER A 115 3.94 -16.75 10.21
C SER A 115 4.25 -17.13 11.66
N ASP A 116 4.14 -16.15 12.56
CA ASP A 116 4.43 -16.37 13.97
C ASP A 116 3.15 -16.57 14.78
N MET A 117 2.08 -16.96 14.10
CA MET A 117 0.79 -17.19 14.73
C MET A 117 0.34 -16.08 15.68
N THR A 118 0.41 -14.84 15.19
CA THR A 118 -0.03 -13.68 15.95
C THR A 118 -1.16 -13.06 15.14
N ASN A 119 -1.71 -11.95 15.61
CA ASN A 119 -2.79 -11.30 14.88
C ASN A 119 -2.88 -9.83 15.25
N GLY A 120 -3.92 -9.16 14.75
CA GLY A 120 -4.07 -7.74 15.03
C GLY A 120 -5.02 -7.38 16.15
N ASP A 121 -5.29 -8.31 17.07
CA ASP A 121 -6.20 -8.03 18.18
C ASP A 121 -5.80 -6.76 18.92
N VAL A 122 -4.50 -6.57 19.13
CA VAL A 122 -4.03 -5.37 19.80
C VAL A 122 -2.98 -4.60 19.00
N ALA A 123 -2.15 -5.31 18.24
CA ALA A 123 -1.12 -4.66 17.42
C ALA A 123 -0.32 -3.64 18.26
N ALA A 124 -0.31 -2.40 17.80
CA ALA A 124 0.41 -1.35 18.51
C ALA A 124 -0.55 -0.57 19.41
N ASN A 125 -1.77 -1.06 19.51
CA ASN A 125 -2.80 -0.46 20.35
C ASN A 125 -2.97 1.04 20.10
N SER A 126 -2.85 1.46 18.83
CA SER A 126 -2.99 2.86 18.48
C SER A 126 -4.39 3.37 18.74
N TYR A 127 -5.34 2.47 18.95
CA TYR A 127 -6.71 2.90 19.23
C TYR A 127 -6.66 3.71 20.53
N HIS A 128 -5.82 3.27 21.45
CA HIS A 128 -5.67 3.95 22.74
C HIS A 128 -4.45 4.87 22.79
N LEU A 129 -3.37 4.46 22.12
CA LEU A 129 -2.13 5.22 22.14
C LEU A 129 -1.82 6.13 20.94
N TYR A 130 -2.86 6.52 20.19
CA TYR A 130 -2.65 7.37 19.01
C TYR A 130 -1.87 8.65 19.30
N GLU A 131 -1.96 9.16 20.53
CA GLU A 131 -1.25 10.38 20.89
C GLU A 131 0.26 10.17 20.75
N GLU A 132 0.70 8.94 21.03
CA GLU A 132 2.12 8.61 20.94
C GLU A 132 2.54 8.56 19.47
N ASP A 133 1.61 8.19 18.60
CA ASP A 133 1.92 8.14 17.17
C ASP A 133 2.10 9.58 16.70
N VAL A 134 1.19 10.45 17.12
CA VAL A 134 1.24 11.87 16.75
C VAL A 134 2.56 12.47 17.24
N LYS A 135 2.96 12.14 18.47
CA LYS A 135 4.21 12.65 19.04
C LYS A 135 5.44 12.20 18.26
N ALA A 136 5.44 10.95 17.80
CA ALA A 136 6.56 10.41 17.02
C ALA A 136 6.70 11.20 15.72
N LEU A 137 5.57 11.49 15.09
CA LEU A 137 5.56 12.25 13.84
C LEU A 137 6.14 13.63 14.10
N LYS A 138 5.67 14.26 15.17
CA LYS A 138 6.11 15.59 15.57
C LYS A 138 7.61 15.58 15.85
N ASP A 139 8.08 14.60 16.62
CA ASP A 139 9.49 14.50 16.97
C ASP A 139 10.39 14.36 15.74
N MET A 140 9.90 13.68 14.71
CA MET A 140 10.66 13.50 13.48
C MET A 140 10.48 14.70 12.56
N GLY A 141 9.50 15.53 12.86
CA GLY A 141 9.24 16.71 12.05
C GLY A 141 8.48 16.41 10.77
N MET A 142 7.77 15.28 10.74
CA MET A 142 6.99 14.92 9.56
C MET A 142 5.86 15.93 9.35
N LYS A 143 5.61 16.28 8.10
CA LYS A 143 4.57 17.24 7.74
C LYS A 143 3.23 16.57 7.46
N VAL A 144 3.27 15.30 7.11
CA VAL A 144 2.05 14.57 6.80
C VAL A 144 2.00 13.19 7.40
N TYR A 145 0.78 12.74 7.67
CA TYR A 145 0.57 11.41 8.21
C TYR A 145 -0.55 10.76 7.42
N ARG A 146 -0.25 9.62 6.83
CA ARG A 146 -1.25 8.90 6.07
C ARG A 146 -1.69 7.66 6.86
N PHE A 147 -2.94 7.64 7.30
CA PHE A 147 -3.47 6.51 8.05
C PHE A 147 -4.76 6.06 7.38
N SER A 148 -5.25 4.87 7.73
CA SER A 148 -6.47 4.37 7.13
C SER A 148 -7.60 4.30 8.14
N ILE A 149 -8.82 4.32 7.62
CA ILE A 149 -10.00 4.24 8.46
C ILE A 149 -10.57 2.83 8.40
N SER A 150 -10.82 2.27 9.58
CA SER A 150 -11.37 0.92 9.68
C SER A 150 -12.85 0.91 9.33
N TRP A 151 -13.18 0.27 8.21
CA TRP A 151 -14.57 0.18 7.76
C TRP A 151 -15.44 -0.47 8.85
N SER A 152 -14.97 -1.60 9.39
CA SER A 152 -15.71 -2.32 10.41
C SER A 152 -15.86 -1.58 11.74
N ARG A 153 -15.00 -0.58 12.00
CA ARG A 153 -15.10 0.19 13.22
C ARG A 153 -16.15 1.29 13.04
N ILE A 154 -16.28 1.76 11.80
CA ILE A 154 -17.24 2.82 11.48
C ILE A 154 -18.64 2.26 11.26
N LEU A 155 -18.71 1.14 10.54
CA LEU A 155 -19.98 0.48 10.26
C LEU A 155 -19.76 -1.00 10.59
N PRO A 156 -20.00 -1.39 11.86
CA PRO A 156 -19.84 -2.76 12.35
C PRO A 156 -20.46 -3.83 11.45
N ASP A 157 -21.56 -3.49 10.79
CA ASP A 157 -22.23 -4.42 9.91
C ASP A 157 -21.98 -4.12 8.44
N GLY A 158 -20.92 -3.36 8.17
CA GLY A 158 -20.57 -3.00 6.81
C GLY A 158 -21.53 -1.97 6.26
N THR A 159 -22.80 -2.14 6.61
CA THR A 159 -23.88 -1.26 6.19
C THR A 159 -24.71 -0.91 7.43
N GLY A 160 -25.55 0.12 7.32
CA GLY A 160 -26.40 0.47 8.45
C GLY A 160 -25.95 1.53 9.43
N LYS A 161 -26.24 1.28 10.70
CA LYS A 161 -25.91 2.22 11.77
C LYS A 161 -24.41 2.47 11.94
N VAL A 162 -24.03 3.73 12.03
CA VAL A 162 -22.62 4.07 12.20
C VAL A 162 -22.27 4.01 13.68
N ASN A 163 -21.09 3.48 13.97
CA ASN A 163 -20.62 3.37 15.33
C ASN A 163 -19.97 4.69 15.76
N GLN A 164 -20.73 5.51 16.49
CA GLN A 164 -20.24 6.80 16.95
C GLN A 164 -18.90 6.76 17.66
N ALA A 165 -18.61 5.67 18.35
CA ALA A 165 -17.34 5.53 19.05
C ALA A 165 -16.22 5.51 18.02
N GLY A 166 -16.51 4.95 16.85
CA GLY A 166 -15.52 4.88 15.78
C GLY A 166 -15.26 6.26 15.21
N ILE A 167 -16.33 7.01 14.98
CA ILE A 167 -16.24 8.35 14.46
C ILE A 167 -15.50 9.27 15.42
N ASP A 168 -15.77 9.12 16.71
CA ASP A 168 -15.09 9.94 17.72
C ASP A 168 -13.60 9.67 17.71
N TYR A 169 -13.21 8.41 17.60
CA TYR A 169 -11.80 8.05 17.58
C TYR A 169 -11.03 8.80 16.49
N TYR A 170 -11.46 8.65 15.26
CA TYR A 170 -10.78 9.31 14.15
C TYR A 170 -10.80 10.84 14.26
N ASN A 171 -11.87 11.40 14.82
CA ASN A 171 -11.94 12.84 15.00
C ASN A 171 -10.88 13.29 16.00
N LYS A 172 -10.58 12.44 16.98
CA LYS A 172 -9.56 12.78 17.96
C LYS A 172 -8.18 12.75 17.31
N LEU A 173 -7.92 11.71 16.52
CA LEU A 173 -6.65 11.56 15.81
C LEU A 173 -6.45 12.74 14.86
N ILE A 174 -7.47 13.03 14.09
CA ILE A 174 -7.41 14.13 13.13
C ILE A 174 -7.13 15.47 13.81
N ASN A 175 -7.93 15.79 14.84
CA ASN A 175 -7.73 17.05 15.55
C ASN A 175 -6.36 17.14 16.21
N SER A 176 -5.86 16.00 16.69
CA SER A 176 -4.55 15.97 17.34
C SER A 176 -3.45 16.26 16.31
N LEU A 177 -3.58 15.65 15.14
CA LEU A 177 -2.61 15.87 14.07
C LEU A 177 -2.61 17.35 13.69
N ILE A 178 -3.80 17.91 13.52
CA ILE A 178 -3.92 19.31 13.16
C ILE A 178 -3.36 20.20 14.28
N ASP A 179 -3.64 19.82 15.53
CA ASP A 179 -3.13 20.60 16.66
C ASP A 179 -1.61 20.63 16.64
N ASN A 180 -1.00 19.58 16.09
CA ASN A 180 0.45 19.49 16.03
C ASN A 180 1.04 19.83 14.68
N ASP A 181 0.30 20.60 13.90
CA ASP A 181 0.73 21.05 12.59
C ASP A 181 1.11 19.92 11.62
N ILE A 182 0.34 18.85 11.64
CA ILE A 182 0.57 17.72 10.75
C ILE A 182 -0.69 17.54 9.91
N VAL A 183 -0.53 17.42 8.59
CA VAL A 183 -1.68 17.24 7.71
C VAL A 183 -2.07 15.77 7.56
N PRO A 184 -3.36 15.46 7.80
CA PRO A 184 -3.84 14.08 7.68
C PRO A 184 -4.24 13.66 6.27
N TYR A 185 -3.67 12.56 5.79
CA TYR A 185 -4.01 12.00 4.49
C TYR A 185 -4.70 10.69 4.85
N VAL A 186 -5.92 10.50 4.35
CA VAL A 186 -6.67 9.30 4.69
C VAL A 186 -6.88 8.25 3.61
N THR A 187 -6.57 7.02 3.96
CA THR A 187 -6.78 5.88 3.07
C THR A 187 -8.12 5.34 3.55
N ILE A 188 -9.10 5.26 2.65
CA ILE A 188 -10.43 4.78 3.02
C ILE A 188 -10.45 3.28 3.31
N TRP A 189 -9.78 2.51 2.46
CA TRP A 189 -9.75 1.06 2.59
C TRP A 189 -8.35 0.50 2.42
N HIS A 190 -7.96 -0.39 3.33
CA HIS A 190 -6.65 -1.01 3.30
C HIS A 190 -6.80 -2.52 3.59
N TRP A 191 -7.51 -3.22 2.69
CA TRP A 191 -7.72 -4.68 2.79
C TRP A 191 -8.66 -5.04 3.94
N ASP A 192 -9.09 -3.97 4.60
CA ASP A 192 -9.92 -3.90 5.78
C ASP A 192 -11.45 -4.16 5.67
N THR A 193 -11.88 -5.16 4.90
CA THR A 193 -13.32 -5.39 4.70
C THR A 193 -14.15 -6.00 5.84
N PRO A 194 -15.36 -5.44 6.12
CA PRO A 194 -16.23 -5.95 7.19
C PRO A 194 -16.62 -7.41 6.90
N GLN A 195 -16.34 -8.31 7.85
CA GLN A 195 -16.66 -9.71 7.66
C GLN A 195 -18.17 -9.91 7.51
N ALA A 196 -18.95 -8.93 7.93
CA ALA A 196 -20.41 -9.01 7.81
C ALA A 196 -20.77 -9.09 6.34
N LEU A 197 -20.16 -8.22 5.54
CA LEU A 197 -20.41 -8.19 4.10
C LEU A 197 -19.80 -9.41 3.41
N GLU A 198 -18.68 -9.89 3.97
CA GLU A 198 -18.01 -11.06 3.42
C GLU A 198 -18.94 -12.26 3.58
N ASP A 199 -19.59 -12.36 4.75
CA ASP A 199 -20.51 -13.46 5.01
C ASP A 199 -21.78 -13.31 4.19
N LYS A 200 -22.28 -12.08 4.11
CA LYS A 200 -23.51 -11.82 3.38
C LYS A 200 -23.49 -12.14 1.89
N TYR A 201 -22.48 -11.67 1.17
CA TYR A 201 -22.45 -11.92 -0.27
C TYR A 201 -21.09 -12.17 -0.90
N GLY A 202 -20.08 -12.46 -0.09
CA GLY A 202 -18.77 -12.71 -0.62
C GLY A 202 -17.88 -11.48 -0.75
N GLY A 203 -18.20 -10.45 0.01
CA GLY A 203 -17.41 -9.23 -0.02
C GLY A 203 -17.17 -8.64 -1.40
N PHE A 204 -15.90 -8.46 -1.75
CA PHE A 204 -15.53 -7.87 -3.03
C PHE A 204 -15.76 -8.73 -4.26
N LEU A 205 -16.24 -9.96 -4.08
CA LEU A 205 -16.50 -10.81 -5.23
C LEU A 205 -17.93 -10.54 -5.73
N ASN A 206 -18.68 -9.74 -4.97
CA ASN A 206 -20.05 -9.40 -5.34
C ASN A 206 -20.20 -7.92 -5.66
N ARG A 207 -20.98 -7.61 -6.68
CA ARG A 207 -21.17 -6.22 -7.11
C ARG A 207 -21.80 -5.32 -6.04
N GLN A 208 -22.46 -5.92 -5.05
CA GLN A 208 -23.09 -5.16 -3.99
C GLN A 208 -22.07 -4.39 -3.15
N ILE A 209 -20.81 -4.82 -3.23
CA ILE A 209 -19.74 -4.17 -2.47
C ILE A 209 -19.54 -2.75 -3.00
N VAL A 210 -19.90 -2.53 -4.27
CA VAL A 210 -19.74 -1.22 -4.87
C VAL A 210 -20.55 -0.13 -4.18
N ASP A 211 -21.85 -0.35 -3.99
CA ASP A 211 -22.65 0.67 -3.32
C ASP A 211 -22.37 0.72 -1.82
N ASP A 212 -22.08 -0.42 -1.23
CA ASP A 212 -21.80 -0.46 0.20
C ASP A 212 -20.53 0.35 0.47
N TYR A 213 -19.51 0.18 -0.37
CA TYR A 213 -18.28 0.94 -0.21
C TYR A 213 -18.57 2.42 -0.38
N LYS A 214 -19.39 2.75 -1.36
CA LYS A 214 -19.74 4.14 -1.64
C LYS A 214 -20.33 4.80 -0.39
N GLN A 215 -21.27 4.11 0.26
CA GLN A 215 -21.91 4.65 1.46
C GLN A 215 -20.90 4.83 2.59
N PHE A 216 -19.98 3.88 2.70
CA PHE A 216 -18.93 3.93 3.72
C PHE A 216 -18.08 5.19 3.48
N ALA A 217 -17.68 5.37 2.22
CA ALA A 217 -16.87 6.52 1.84
C ALA A 217 -17.60 7.82 2.17
N GLU A 218 -18.90 7.85 1.89
CA GLU A 218 -19.67 9.04 2.18
C GLU A 218 -19.67 9.35 3.68
N VAL A 219 -19.77 8.32 4.51
CA VAL A 219 -19.76 8.55 5.96
C VAL A 219 -18.44 9.23 6.32
N CYS A 220 -17.35 8.78 5.70
CA CYS A 220 -16.04 9.38 5.97
C CYS A 220 -16.01 10.82 5.47
N PHE A 221 -16.50 11.04 4.25
CA PHE A 221 -16.50 12.39 3.68
C PHE A 221 -17.27 13.37 4.56
N LYS A 222 -18.51 13.05 4.93
CA LYS A 222 -19.29 13.98 5.73
C LYS A 222 -18.77 14.19 7.15
N ASN A 223 -18.21 13.17 7.77
CA ASN A 223 -17.69 13.34 9.13
C ASN A 223 -16.29 13.94 9.25
N PHE A 224 -15.43 13.64 8.29
CA PHE A 224 -14.05 14.13 8.35
C PHE A 224 -13.62 15.09 7.24
N GLY A 225 -14.45 15.19 6.19
CA GLY A 225 -14.14 16.05 5.06
C GLY A 225 -13.90 17.53 5.32
N ASP A 226 -14.35 18.03 6.45
CA ASP A 226 -14.16 19.45 6.77
C ASP A 226 -12.71 19.73 7.17
N ARG A 227 -12.02 18.69 7.62
CA ARG A 227 -10.62 18.82 8.03
C ARG A 227 -9.66 17.99 7.17
N VAL A 228 -10.13 16.84 6.70
CA VAL A 228 -9.30 15.99 5.84
C VAL A 228 -9.57 16.45 4.41
N LYS A 229 -8.51 16.77 3.66
CA LYS A 229 -8.65 17.27 2.29
C LYS A 229 -7.95 16.43 1.24
N ASN A 230 -7.36 15.31 1.66
CA ASN A 230 -6.65 14.43 0.73
C ASN A 230 -7.00 12.99 1.06
N TRP A 231 -7.49 12.27 0.05
CA TRP A 231 -7.91 10.88 0.24
C TRP A 231 -7.39 9.90 -0.79
N PHE A 232 -7.28 8.64 -0.36
CA PHE A 232 -6.89 7.55 -1.23
C PHE A 232 -8.00 6.53 -1.01
N THR A 233 -8.73 6.19 -2.06
CA THR A 233 -9.85 5.25 -1.95
C THR A 233 -9.43 3.83 -1.56
N PHE A 234 -8.43 3.31 -2.24
CA PHE A 234 -7.94 1.96 -1.96
C PHE A 234 -6.42 1.93 -1.93
N ASN A 235 -5.85 0.97 -1.21
CA ASN A 235 -4.41 0.80 -1.11
C ASN A 235 -3.98 -0.56 -1.67
N ALA A 236 -2.92 -0.53 -2.46
CA ALA A 236 -2.36 -1.75 -3.05
C ALA A 236 -3.36 -2.76 -3.61
N PRO A 237 -4.20 -2.35 -4.57
CA PRO A 237 -5.20 -3.26 -5.16
C PRO A 237 -4.60 -4.50 -5.82
N HIS A 238 -3.47 -4.34 -6.52
CA HIS A 238 -2.82 -5.46 -7.17
C HIS A 238 -2.36 -6.52 -6.17
N THR A 239 -1.69 -6.11 -5.10
CA THR A 239 -1.24 -7.07 -4.10
C THR A 239 -2.43 -7.72 -3.39
N TYR A 240 -3.45 -6.93 -3.10
CA TYR A 240 -4.65 -7.45 -2.45
C TYR A 240 -5.29 -8.57 -3.29
N CYS A 241 -5.48 -8.31 -4.58
CA CYS A 241 -6.10 -9.31 -5.46
C CYS A 241 -5.23 -10.54 -5.62
N CYS A 242 -3.92 -10.35 -5.80
CA CYS A 242 -3.01 -11.47 -5.97
C CYS A 242 -2.94 -12.37 -4.74
N PHE A 243 -2.78 -11.76 -3.57
CA PHE A 243 -2.65 -12.53 -2.33
C PHE A 243 -3.94 -13.01 -1.69
N SER A 244 -5.01 -12.23 -1.79
CA SER A 244 -6.27 -12.62 -1.17
C SER A 244 -7.10 -13.59 -2.01
N TYR A 245 -6.99 -13.48 -3.34
CA TYR A 245 -7.78 -14.35 -4.21
C TYR A 245 -6.99 -15.20 -5.19
N GLY A 246 -5.67 -14.98 -5.27
CA GLY A 246 -4.84 -15.77 -6.15
C GLY A 246 -4.10 -16.85 -5.39
N GLU A 247 -3.16 -16.44 -4.54
CA GLU A 247 -2.40 -17.39 -3.73
C GLU A 247 -3.19 -17.69 -2.46
N GLY A 248 -4.05 -16.75 -2.06
CA GLY A 248 -4.87 -16.95 -0.89
C GLY A 248 -4.16 -16.87 0.45
N ILE A 249 -3.00 -16.24 0.49
CA ILE A 249 -2.24 -16.11 1.73
C ILE A 249 -2.76 -14.96 2.58
N HIS A 250 -3.63 -14.15 2.00
CA HIS A 250 -4.23 -13.00 2.71
C HIS A 250 -5.73 -13.17 2.78
N ALA A 251 -6.35 -12.58 3.80
CA ALA A 251 -7.79 -12.65 4.00
C ALA A 251 -8.54 -12.18 2.75
N PRO A 252 -9.63 -12.86 2.36
CA PRO A 252 -10.23 -14.04 3.01
C PRO A 252 -9.54 -15.39 2.77
N GLY A 253 -8.34 -15.37 2.18
CA GLY A 253 -7.59 -16.59 1.95
C GLY A 253 -8.19 -17.59 0.98
N ARG A 254 -8.54 -17.13 -0.22
CA ARG A 254 -9.13 -17.99 -1.23
C ARG A 254 -8.16 -18.28 -2.38
N CYS A 255 -8.28 -19.47 -2.97
CA CYS A 255 -7.44 -19.90 -4.08
C CYS A 255 -8.13 -21.06 -4.79
N SER A 256 -7.56 -21.51 -5.90
CA SER A 256 -8.14 -22.62 -6.66
C SER A 256 -8.01 -23.95 -5.94
N PRO A 257 -9.00 -24.85 -6.11
CA PRO A 257 -8.95 -26.17 -5.48
C PRO A 257 -7.62 -26.84 -5.80
N GLY A 258 -7.04 -27.53 -4.83
CA GLY A 258 -5.78 -28.20 -5.06
C GLY A 258 -4.60 -27.37 -4.62
N MET A 259 -4.83 -26.07 -4.41
CA MET A 259 -3.75 -25.18 -3.97
C MET A 259 -3.75 -25.12 -2.45
N ASP A 260 -2.64 -24.68 -1.88
CA ASP A 260 -2.51 -24.62 -0.43
C ASP A 260 -2.82 -23.27 0.22
N CYS A 261 -4.09 -23.01 0.50
CA CYS A 261 -4.48 -21.77 1.18
C CYS A 261 -5.61 -22.16 2.12
N ALA A 262 -5.96 -21.25 3.03
CA ALA A 262 -7.02 -21.51 4.01
C ALA A 262 -8.28 -22.12 3.38
N VAL A 263 -8.86 -21.44 2.40
CA VAL A 263 -10.07 -21.96 1.77
C VAL A 263 -9.88 -22.09 0.25
N PRO A 264 -9.46 -23.28 -0.19
CA PRO A 264 -9.21 -23.63 -1.60
C PRO A 264 -10.45 -24.00 -2.40
N GLU A 265 -11.43 -23.10 -2.43
CA GLU A 265 -12.64 -23.36 -3.20
C GLU A 265 -12.99 -22.13 -4.04
N GLY A 266 -11.95 -21.39 -4.44
CA GLY A 266 -12.15 -20.21 -5.26
C GLY A 266 -11.66 -20.48 -6.67
N ASP A 267 -11.03 -19.48 -7.29
CA ASP A 267 -10.51 -19.62 -8.65
C ASP A 267 -9.43 -18.57 -8.83
N SER A 268 -8.17 -18.99 -8.76
CA SER A 268 -7.03 -18.09 -8.87
C SER A 268 -6.91 -17.40 -10.23
N LEU A 269 -7.71 -17.84 -11.20
CA LEU A 269 -7.68 -17.26 -12.54
C LEU A 269 -8.84 -16.31 -12.77
N ARG A 270 -9.78 -16.25 -11.84
CA ARG A 270 -10.94 -15.39 -12.02
C ARG A 270 -11.27 -14.48 -10.85
N GLU A 271 -11.25 -15.01 -9.63
CA GLU A 271 -11.60 -14.19 -8.48
C GLU A 271 -10.73 -12.93 -8.33
N PRO A 272 -9.41 -13.03 -8.60
CA PRO A 272 -8.59 -11.82 -8.47
C PRO A 272 -9.10 -10.69 -9.37
N TYR A 273 -9.51 -11.05 -10.58
CA TYR A 273 -10.01 -10.06 -11.54
C TYR A 273 -11.40 -9.54 -11.17
N THR A 274 -12.24 -10.43 -10.64
CA THR A 274 -13.58 -10.04 -10.21
C THR A 274 -13.44 -9.02 -9.08
N ALA A 275 -12.59 -9.32 -8.11
CA ALA A 275 -12.38 -8.43 -6.98
C ALA A 275 -11.82 -7.07 -7.45
N GLY A 276 -10.85 -7.12 -8.35
CA GLY A 276 -10.26 -5.90 -8.86
C GLY A 276 -11.25 -5.05 -9.61
N HIS A 277 -12.13 -5.71 -10.36
CA HIS A 277 -13.14 -4.98 -11.13
C HIS A 277 -14.09 -4.24 -10.18
N HIS A 278 -14.48 -4.88 -9.09
CA HIS A 278 -15.38 -4.23 -8.14
C HIS A 278 -14.67 -3.09 -7.41
N ILE A 279 -13.38 -3.26 -7.16
CA ILE A 279 -12.59 -2.21 -6.51
C ILE A 279 -12.63 -0.96 -7.39
N LEU A 280 -12.38 -1.14 -8.69
CA LEU A 280 -12.38 0.00 -9.62
C LEU A 280 -13.76 0.66 -9.71
N LEU A 281 -14.82 -0.13 -9.78
CA LEU A 281 -16.17 0.42 -9.84
C LEU A 281 -16.49 1.19 -8.56
N ALA A 282 -16.13 0.63 -7.42
CA ALA A 282 -16.37 1.26 -6.13
C ALA A 282 -15.64 2.61 -6.10
N HIS A 283 -14.39 2.59 -6.53
CA HIS A 283 -13.56 3.78 -6.60
C HIS A 283 -14.27 4.83 -7.45
N ALA A 284 -14.70 4.43 -8.65
CA ALA A 284 -15.37 5.34 -9.57
C ALA A 284 -16.60 6.00 -8.94
N GLU A 285 -17.42 5.20 -8.25
CA GLU A 285 -18.62 5.73 -7.60
C GLU A 285 -18.29 6.70 -6.48
N ALA A 286 -17.32 6.34 -5.65
CA ALA A 286 -16.91 7.18 -4.53
C ALA A 286 -16.36 8.53 -5.01
N VAL A 287 -15.53 8.50 -6.05
CA VAL A 287 -14.95 9.74 -6.58
C VAL A 287 -16.02 10.65 -7.19
N GLN A 288 -16.95 10.07 -7.94
CA GLN A 288 -18.01 10.85 -8.56
C GLN A 288 -18.81 11.56 -7.47
N LEU A 289 -19.12 10.82 -6.40
CA LEU A 289 -19.87 11.39 -5.28
C LEU A 289 -19.05 12.50 -4.62
N PHE A 290 -17.77 12.23 -4.40
CA PHE A 290 -16.87 13.19 -3.78
C PHE A 290 -16.83 14.51 -4.56
N LYS A 291 -16.55 14.40 -5.86
CA LYS A 291 -16.47 15.56 -6.74
C LYS A 291 -17.78 16.33 -6.80
N ALA A 292 -18.89 15.61 -6.74
CA ALA A 292 -20.20 16.22 -6.82
C ALA A 292 -20.67 16.93 -5.55
N ARG A 293 -20.51 16.30 -4.39
CA ARG A 293 -21.00 16.90 -3.15
C ARG A 293 -19.99 17.23 -2.06
N TYR A 294 -18.77 16.71 -2.15
CA TYR A 294 -17.81 16.95 -1.08
C TYR A 294 -16.54 17.72 -1.42
N ASN A 295 -16.59 18.51 -2.49
CA ASN A 295 -15.45 19.32 -2.88
C ASN A 295 -15.97 20.71 -3.27
N MET A 296 -16.99 21.16 -2.56
CA MET A 296 -17.61 22.46 -2.81
C MET A 296 -16.61 23.60 -2.75
N HIS A 297 -15.60 23.48 -1.91
CA HIS A 297 -14.59 24.54 -1.78
C HIS A 297 -13.49 24.41 -2.82
N GLY A 298 -13.48 23.29 -3.52
CA GLY A 298 -12.50 23.05 -4.57
C GLY A 298 -11.06 22.79 -4.14
N ASP A 299 -10.85 22.57 -2.84
CA ASP A 299 -9.49 22.33 -2.35
C ASP A 299 -9.23 20.90 -1.85
N SER A 300 -10.09 19.96 -2.18
CA SER A 300 -9.89 18.58 -1.76
C SER A 300 -9.41 17.72 -2.93
N LYS A 301 -8.69 16.65 -2.62
CA LYS A 301 -8.15 15.76 -3.65
C LYS A 301 -8.38 14.31 -3.25
N ILE A 302 -8.70 13.49 -4.25
CA ILE A 302 -8.94 12.08 -4.01
C ILE A 302 -8.29 11.25 -5.10
N GLY A 303 -7.65 10.15 -4.70
CA GLY A 303 -6.99 9.30 -5.67
C GLY A 303 -6.90 7.86 -5.19
N MET A 304 -5.89 7.15 -5.67
CA MET A 304 -5.69 5.75 -5.29
C MET A 304 -4.20 5.51 -5.09
N ALA A 305 -3.85 4.53 -4.26
CA ALA A 305 -2.44 4.20 -4.00
C ALA A 305 -2.18 2.82 -4.58
N PHE A 306 -1.24 2.74 -5.53
CA PHE A 306 -0.92 1.48 -6.18
C PHE A 306 0.38 0.87 -5.70
N ASP A 307 0.39 -0.45 -5.51
CA ASP A 307 1.61 -1.12 -5.11
C ASP A 307 2.29 -1.40 -6.44
N VAL A 308 3.57 -1.09 -6.52
CA VAL A 308 4.30 -1.28 -7.76
C VAL A 308 5.75 -1.69 -7.53
N MET A 309 6.22 -2.61 -8.36
CA MET A 309 7.61 -3.05 -8.30
C MET A 309 8.22 -2.55 -9.58
N GLY A 310 9.52 -2.25 -9.56
CA GLY A 310 10.18 -1.82 -10.78
C GLY A 310 10.54 -3.07 -11.53
N TYR A 311 10.85 -2.95 -12.82
CA TYR A 311 11.23 -4.11 -13.62
C TYR A 311 12.34 -3.77 -14.58
N GLU A 312 13.24 -4.74 -14.77
CA GLU A 312 14.36 -4.62 -15.69
C GLU A 312 14.28 -5.89 -16.52
N PRO A 313 14.65 -5.83 -17.80
CA PRO A 313 14.58 -7.06 -18.57
C PRO A 313 15.56 -8.09 -18.01
N TYR A 314 15.15 -9.36 -17.95
CA TYR A 314 16.01 -10.41 -17.43
C TYR A 314 17.29 -10.46 -18.26
N GLN A 315 17.12 -10.57 -19.56
CA GLN A 315 18.24 -10.60 -20.50
C GLN A 315 18.04 -9.49 -21.53
N ASP A 316 19.13 -8.96 -22.05
CA ASP A 316 19.03 -7.90 -23.05
C ASP A 316 18.61 -8.47 -24.40
N SER A 317 17.31 -8.39 -24.68
CA SER A 317 16.74 -8.85 -25.95
C SER A 317 15.36 -8.21 -26.03
N PHE A 318 14.88 -8.01 -27.25
CA PHE A 318 13.57 -7.37 -27.42
C PHE A 318 12.47 -8.18 -26.74
N LEU A 319 12.68 -9.49 -26.58
CA LEU A 319 11.70 -10.35 -25.94
C LEU A 319 11.51 -9.99 -24.47
N ASP A 320 12.61 -9.80 -23.74
CA ASP A 320 12.48 -9.44 -22.33
C ASP A 320 12.08 -7.97 -22.19
N ASP A 321 12.30 -7.17 -23.24
CA ASP A 321 11.89 -5.77 -23.19
C ASP A 321 10.37 -5.80 -23.21
N GLN A 322 9.80 -6.64 -24.07
CA GLN A 322 8.36 -6.78 -24.19
C GLN A 322 7.81 -7.39 -22.90
N ALA A 323 8.55 -8.34 -22.33
CA ALA A 323 8.11 -8.97 -21.08
C ALA A 323 8.06 -7.91 -19.97
N ARG A 324 9.05 -7.02 -19.94
CA ARG A 324 9.06 -5.97 -18.91
C ARG A 324 7.81 -5.12 -19.02
N GLU A 325 7.42 -4.78 -20.25
CA GLU A 325 6.23 -3.98 -20.47
C GLU A 325 4.99 -4.71 -19.96
N ARG A 326 4.92 -6.01 -20.20
CA ARG A 326 3.77 -6.79 -19.74
C ARG A 326 3.75 -6.81 -18.21
N SER A 327 4.93 -6.89 -17.59
CA SER A 327 5.03 -6.91 -16.13
C SER A 327 4.55 -5.59 -15.53
N ILE A 328 4.96 -4.47 -16.14
CA ILE A 328 4.55 -3.16 -15.66
C ILE A 328 3.04 -3.03 -15.85
N ASP A 329 2.54 -3.46 -17.01
CA ASP A 329 1.11 -3.40 -17.28
C ASP A 329 0.32 -4.17 -16.22
N TYR A 330 0.81 -5.35 -15.88
CA TYR A 330 0.13 -6.19 -14.91
C TYR A 330 0.21 -5.69 -13.46
N ASN A 331 1.39 -5.26 -13.04
CA ASN A 331 1.62 -4.79 -11.67
C ASN A 331 1.05 -3.39 -11.47
N MET A 332 1.39 -2.47 -12.36
CA MET A 332 0.94 -1.09 -12.23
C MET A 332 -0.27 -0.72 -13.09
N GLY A 333 -0.22 -1.09 -14.37
CA GLY A 333 -1.31 -0.77 -15.28
C GLY A 333 -2.69 -1.30 -14.90
N TRP A 334 -2.71 -2.53 -14.37
CA TRP A 334 -3.94 -3.18 -13.95
C TRP A 334 -4.95 -2.20 -13.35
N PHE A 335 -4.50 -1.38 -12.39
CA PHE A 335 -5.43 -0.48 -11.72
C PHE A 335 -5.16 0.98 -12.11
N LEU A 336 -3.96 1.34 -12.53
CA LEU A 336 -3.67 2.71 -12.94
C LEU A 336 -4.29 3.09 -14.28
N GLU A 337 -4.14 2.24 -15.29
CA GLU A 337 -4.68 2.56 -16.60
C GLU A 337 -6.20 2.78 -16.57
N PRO A 338 -6.94 2.01 -15.74
CA PRO A 338 -8.38 2.25 -15.71
C PRO A 338 -8.73 3.64 -15.16
N VAL A 339 -8.01 4.11 -14.15
CA VAL A 339 -8.33 5.42 -13.61
C VAL A 339 -7.79 6.53 -14.52
N VAL A 340 -6.97 6.15 -15.49
CA VAL A 340 -6.43 7.15 -16.40
C VAL A 340 -7.25 7.21 -17.69
N ARG A 341 -7.44 6.07 -18.37
CA ARG A 341 -8.20 6.07 -19.62
C ARG A 341 -9.55 5.38 -19.55
N GLY A 342 -9.84 4.72 -18.42
CA GLY A 342 -11.12 4.06 -18.27
C GLY A 342 -11.19 2.61 -18.73
N ASP A 343 -10.04 1.95 -18.86
CA ASP A 343 -10.01 0.55 -19.28
C ASP A 343 -8.67 -0.07 -18.88
N TYR A 344 -8.64 -1.40 -18.76
CA TYR A 344 -7.43 -2.12 -18.41
C TYR A 344 -6.43 -2.03 -19.55
N PRO A 345 -5.15 -2.34 -19.29
CA PRO A 345 -4.14 -2.27 -20.35
C PRO A 345 -4.52 -3.26 -21.44
N PHE A 346 -4.23 -2.92 -22.69
CA PHE A 346 -4.56 -3.80 -23.80
C PHE A 346 -3.93 -5.17 -23.62
N SER A 347 -2.68 -5.22 -23.14
CA SER A 347 -2.01 -6.50 -22.96
C SER A 347 -2.81 -7.44 -22.05
N MET A 348 -3.36 -6.92 -20.97
CA MET A 348 -4.13 -7.76 -20.06
C MET A 348 -5.39 -8.30 -20.74
N ARG A 349 -6.12 -7.45 -21.45
CA ARG A 349 -7.32 -7.93 -22.13
C ARG A 349 -6.99 -8.98 -23.19
N SER A 350 -5.87 -8.81 -23.88
CA SER A 350 -5.48 -9.77 -24.92
C SER A 350 -5.05 -11.13 -24.37
N LEU A 351 -4.60 -11.16 -23.13
CA LEU A 351 -4.14 -12.40 -22.52
C LEU A 351 -5.14 -13.02 -21.54
N ILE A 352 -6.01 -12.20 -20.97
CA ILE A 352 -6.98 -12.67 -19.99
C ILE A 352 -8.39 -12.87 -20.55
N GLY A 353 -8.72 -12.10 -21.58
CA GLY A 353 -10.01 -12.20 -22.23
C GLY A 353 -11.25 -12.23 -21.37
N ASP A 354 -12.05 -13.30 -21.51
CA ASP A 354 -13.29 -13.45 -20.77
C ASP A 354 -13.14 -13.41 -19.25
N ARG A 355 -11.96 -13.69 -18.74
CA ARG A 355 -11.75 -13.67 -17.30
C ARG A 355 -11.57 -12.27 -16.74
N LEU A 356 -11.49 -11.28 -17.62
CA LEU A 356 -11.35 -9.87 -17.21
C LEU A 356 -12.61 -9.14 -17.64
N PRO A 357 -13.47 -8.78 -16.67
CA PRO A 357 -14.74 -8.08 -16.96
C PRO A 357 -14.61 -6.81 -17.80
N MET A 358 -15.59 -6.59 -18.67
CA MET A 358 -15.65 -5.41 -19.52
C MET A 358 -16.30 -4.27 -18.75
N PHE A 359 -15.96 -3.03 -19.10
CA PHE A 359 -16.56 -1.86 -18.47
C PHE A 359 -17.61 -1.34 -19.45
N THR A 360 -18.66 -0.72 -18.93
CA THR A 360 -19.68 -0.16 -19.81
C THR A 360 -19.19 1.24 -20.19
N LYS A 361 -19.80 1.81 -21.22
CA LYS A 361 -19.41 3.15 -21.67
C LYS A 361 -19.47 4.12 -20.49
N GLU A 362 -20.53 4.02 -19.70
CA GLU A 362 -20.71 4.90 -18.56
C GLU A 362 -19.62 4.73 -17.52
N GLU A 363 -19.25 3.49 -17.26
CA GLU A 363 -18.20 3.19 -16.28
C GLU A 363 -16.84 3.69 -16.78
N GLN A 364 -16.58 3.44 -18.06
CA GLN A 364 -15.32 3.86 -18.66
C GLN A 364 -15.11 5.37 -18.47
N GLU A 365 -16.16 6.15 -18.72
CA GLU A 365 -16.11 7.60 -18.59
C GLU A 365 -15.99 8.01 -17.12
N LYS A 366 -16.67 7.27 -16.25
CA LYS A 366 -16.66 7.54 -14.82
C LYS A 366 -15.25 7.34 -14.26
N LEU A 367 -14.57 6.29 -14.75
CA LEU A 367 -13.22 5.95 -14.32
C LEU A 367 -12.13 6.86 -14.87
N ALA A 368 -12.22 7.22 -16.16
CA ALA A 368 -11.22 8.07 -16.79
C ALA A 368 -11.03 9.37 -16.01
N SER A 369 -9.77 9.70 -15.72
CA SER A 369 -9.44 10.92 -14.99
C SER A 369 -10.09 10.99 -13.60
N SER A 370 -10.25 9.84 -12.94
CA SER A 370 -10.87 9.82 -11.62
C SER A 370 -9.89 9.97 -10.46
N CYS A 371 -8.67 10.41 -10.73
CA CYS A 371 -7.67 10.61 -9.68
C CYS A 371 -7.04 12.00 -9.72
N ASP A 372 -7.04 12.68 -8.58
CA ASP A 372 -6.44 14.01 -8.48
C ASP A 372 -4.97 13.78 -8.11
N ILE A 373 -4.73 12.72 -7.37
CA ILE A 373 -3.38 12.39 -6.94
C ILE A 373 -3.16 10.90 -7.02
N MET A 374 -1.91 10.51 -7.32
CA MET A 374 -1.56 9.10 -7.44
C MET A 374 -0.63 8.71 -6.29
N GLY A 375 -0.88 7.54 -5.72
CA GLY A 375 -0.02 7.07 -4.66
C GLY A 375 0.75 5.89 -5.20
N LEU A 376 2.06 5.88 -4.94
CA LEU A 376 2.90 4.76 -5.39
C LEU A 376 3.55 4.10 -4.17
N ASN A 377 3.26 2.82 -3.95
CA ASN A 377 3.86 2.08 -2.84
C ASN A 377 5.01 1.29 -3.43
N TYR A 378 6.23 1.76 -3.20
CA TYR A 378 7.41 1.11 -3.77
C TYR A 378 8.39 0.53 -2.77
N TYR A 379 8.80 -0.71 -2.99
CA TYR A 379 9.75 -1.37 -2.11
C TYR A 379 10.91 -2.01 -2.84
N THR A 380 10.63 -2.62 -3.98
CA THR A 380 11.67 -3.34 -4.69
C THR A 380 11.39 -3.45 -6.19
N SER A 381 12.24 -4.22 -6.88
CA SER A 381 12.13 -4.44 -8.33
C SER A 381 12.50 -5.89 -8.62
N ARG A 382 12.22 -6.33 -9.84
CA ARG A 382 12.53 -7.68 -10.29
C ARG A 382 12.94 -7.66 -11.75
N PHE A 383 13.51 -8.77 -12.21
CA PHE A 383 13.87 -8.89 -13.60
C PHE A 383 12.65 -9.53 -14.25
N SER A 384 12.32 -9.12 -15.46
CA SER A 384 11.18 -9.68 -16.15
C SER A 384 11.66 -10.63 -17.24
N LYS A 385 11.33 -11.91 -17.09
CA LYS A 385 11.74 -12.94 -18.03
C LYS A 385 10.58 -13.39 -18.91
N HIS A 386 10.76 -13.27 -20.21
CA HIS A 386 9.72 -13.64 -21.17
C HIS A 386 9.32 -15.11 -21.15
N VAL A 387 8.02 -15.34 -21.22
CA VAL A 387 7.45 -16.69 -21.27
C VAL A 387 6.68 -16.76 -22.58
N ASP A 388 6.95 -17.79 -23.38
CA ASP A 388 6.27 -17.96 -24.66
C ASP A 388 4.90 -18.57 -24.52
N MET A 389 4.02 -18.26 -25.45
CA MET A 389 2.68 -18.85 -25.44
C MET A 389 2.84 -20.17 -26.16
N SER A 390 2.47 -21.27 -25.51
CA SER A 390 2.59 -22.59 -26.13
C SER A 390 1.85 -23.63 -25.30
N PRO A 391 1.72 -24.85 -25.84
CA PRO A 391 1.02 -25.93 -25.14
C PRO A 391 1.74 -26.29 -23.84
N ASP A 392 3.04 -25.97 -23.76
CA ASP A 392 3.83 -26.28 -22.58
C ASP A 392 3.59 -25.36 -21.40
N PHE A 393 2.84 -24.27 -21.62
CA PHE A 393 2.55 -23.36 -20.52
C PHE A 393 1.06 -23.10 -20.39
N THR A 394 0.54 -23.35 -19.18
CA THR A 394 -0.86 -23.15 -18.90
C THR A 394 -0.99 -22.38 -17.58
N PRO A 395 -1.60 -21.20 -17.63
CA PRO A 395 -1.76 -20.38 -16.42
C PRO A 395 -2.63 -21.06 -15.35
N THR A 396 -2.23 -20.91 -14.10
CA THR A 396 -3.00 -21.46 -12.98
C THR A 396 -3.19 -20.36 -11.93
N LEU A 397 -2.24 -19.43 -11.84
CA LEU A 397 -2.32 -18.29 -10.93
C LEU A 397 -2.55 -17.05 -11.79
N ASN A 398 -3.32 -16.08 -11.30
CA ASN A 398 -3.58 -14.88 -12.08
C ASN A 398 -2.29 -14.23 -12.60
N THR A 399 -1.25 -14.21 -11.78
CA THR A 399 0.02 -13.62 -12.19
C THR A 399 0.65 -14.30 -13.40
N ASP A 400 0.20 -15.51 -13.72
CA ASP A 400 0.73 -16.23 -14.89
C ASP A 400 0.27 -15.58 -16.20
N ASP A 401 -0.81 -14.82 -16.12
CA ASP A 401 -1.38 -14.18 -17.30
C ASP A 401 -0.49 -13.11 -17.95
N ALA A 402 0.56 -12.69 -17.27
CA ALA A 402 1.45 -11.66 -17.80
C ALA A 402 2.51 -12.25 -18.73
N TYR A 403 2.63 -13.58 -18.70
CA TYR A 403 3.64 -14.28 -19.51
C TYR A 403 5.00 -13.64 -19.34
N ALA A 404 5.33 -13.35 -18.09
CA ALA A 404 6.61 -12.75 -17.73
C ALA A 404 6.85 -13.10 -16.26
N SER A 405 7.82 -13.96 -16.00
CA SER A 405 8.12 -14.34 -14.63
C SER A 405 9.02 -13.29 -13.99
N SER A 406 8.69 -12.95 -12.75
CA SER A 406 9.47 -11.99 -12.00
C SER A 406 10.63 -12.75 -11.37
N GLU A 407 11.85 -12.37 -11.73
CA GLU A 407 13.04 -13.04 -11.21
C GLU A 407 13.83 -12.12 -10.29
N THR A 408 14.40 -12.69 -9.22
CA THR A 408 15.21 -11.91 -8.29
C THR A 408 16.65 -11.85 -8.80
N THR A 409 16.99 -12.79 -9.67
CA THR A 409 18.34 -12.84 -10.24
C THR A 409 18.35 -12.62 -11.75
N GLY A 410 19.31 -11.83 -12.24
CA GLY A 410 19.42 -11.54 -13.65
C GLY A 410 20.05 -12.62 -14.51
N SER A 411 20.20 -12.35 -15.80
CA SER A 411 20.76 -13.31 -16.74
C SER A 411 22.22 -13.64 -16.44
N ASP A 412 22.89 -12.80 -15.66
CA ASP A 412 24.28 -13.05 -15.32
C ASP A 412 24.41 -13.73 -13.95
N GLY A 413 23.26 -14.12 -13.40
CA GLY A 413 23.26 -14.79 -12.11
C GLY A 413 23.20 -13.89 -10.88
N ASN A 414 23.39 -12.59 -11.07
CA ASN A 414 23.39 -11.64 -9.96
C ASN A 414 22.01 -11.19 -9.48
N ASP A 415 21.86 -10.99 -8.18
CA ASP A 415 20.60 -10.51 -7.61
C ASP A 415 20.39 -9.09 -8.15
N ILE A 416 19.14 -8.66 -8.19
CA ILE A 416 18.80 -7.33 -8.70
C ILE A 416 19.48 -6.27 -7.83
N GLY A 417 19.56 -6.54 -6.53
CA GLY A 417 20.20 -5.62 -5.61
C GLY A 417 20.43 -6.26 -4.24
N PRO A 418 21.06 -5.55 -3.30
CA PRO A 418 21.34 -6.04 -1.94
C PRO A 418 20.06 -6.43 -1.20
N ILE A 419 20.07 -7.57 -0.51
CA ILE A 419 18.88 -7.95 0.27
C ILE A 419 18.86 -7.02 1.48
N THR A 420 17.68 -6.74 2.00
CA THR A 420 17.55 -5.80 3.11
C THR A 420 17.03 -6.37 4.42
N GLY A 421 16.65 -7.65 4.40
CA GLY A 421 16.12 -8.28 5.59
C GLY A 421 15.08 -9.30 5.21
N THR A 422 13.85 -8.84 4.96
CA THR A 422 12.79 -9.76 4.56
C THR A 422 13.16 -10.25 3.16
N TYR A 423 12.82 -11.49 2.86
CA TYR A 423 13.15 -12.13 1.60
C TYR A 423 12.71 -11.48 0.27
N TRP A 424 11.62 -10.73 0.29
CA TRP A 424 11.16 -10.13 -0.97
C TRP A 424 11.64 -8.71 -1.26
N ILE A 425 12.32 -8.07 -0.32
CA ILE A 425 12.76 -6.71 -0.57
C ILE A 425 14.25 -6.60 -0.91
N TYR A 426 14.53 -6.51 -2.20
CA TYR A 426 15.91 -6.34 -2.67
C TYR A 426 16.00 -4.86 -2.97
N MET A 427 17.09 -4.23 -2.55
CA MET A 427 17.25 -2.80 -2.76
C MET A 427 17.62 -2.42 -4.20
N TYR A 428 16.75 -1.64 -4.84
CA TYR A 428 16.98 -1.21 -6.21
C TYR A 428 16.28 0.14 -6.44
N PRO A 429 16.87 1.23 -5.92
CA PRO A 429 16.26 2.55 -6.08
C PRO A 429 16.02 3.02 -7.53
N LYS A 430 16.87 2.59 -8.47
CA LYS A 430 16.70 2.98 -9.86
C LYS A 430 15.31 2.63 -10.36
N GLY A 431 14.79 1.49 -9.90
CA GLY A 431 13.47 1.07 -10.30
C GLY A 431 12.37 2.07 -10.02
N LEU A 432 12.48 2.80 -8.91
CA LEU A 432 11.48 3.79 -8.55
C LEU A 432 11.55 4.98 -9.51
N THR A 433 12.77 5.43 -9.81
CA THR A 433 12.96 6.56 -10.71
C THR A 433 12.37 6.23 -12.08
N ASP A 434 12.61 5.01 -12.55
CA ASP A 434 12.08 4.58 -13.84
C ASP A 434 10.55 4.60 -13.87
N LEU A 435 9.92 4.10 -12.79
CA LEU A 435 8.46 4.07 -12.72
C LEU A 435 7.92 5.50 -12.70
N LEU A 436 8.57 6.38 -11.96
CA LEU A 436 8.14 7.77 -11.88
C LEU A 436 8.23 8.45 -13.25
N LEU A 437 9.27 8.10 -14.03
CA LEU A 437 9.41 8.69 -15.36
C LEU A 437 8.36 8.13 -16.33
N ILE A 438 7.89 6.91 -16.06
CA ILE A 438 6.83 6.32 -16.89
C ILE A 438 5.54 7.09 -16.58
N MET A 439 5.31 7.40 -15.32
CA MET A 439 4.12 8.15 -14.92
C MET A 439 4.13 9.49 -15.67
N LYS A 440 5.31 10.10 -15.74
CA LYS A 440 5.48 11.38 -16.40
C LYS A 440 5.26 11.32 -17.92
N GLU A 441 6.07 10.52 -18.59
CA GLU A 441 6.03 10.39 -20.03
C GLU A 441 4.84 9.68 -20.66
N LYS A 442 4.33 8.65 -20.00
CA LYS A 442 3.24 7.88 -20.57
C LYS A 442 1.85 8.23 -20.06
N TYR A 443 1.71 8.48 -18.76
CA TYR A 443 0.42 8.75 -18.18
C TYR A 443 0.02 10.19 -17.87
N GLY A 444 0.67 11.16 -18.51
CA GLY A 444 0.31 12.55 -18.30
C GLY A 444 0.95 13.31 -17.16
N ASN A 445 1.89 12.65 -16.47
CA ASN A 445 2.60 13.27 -15.36
C ASN A 445 1.71 13.85 -14.27
N PRO A 446 0.78 13.04 -13.73
CA PRO A 446 -0.13 13.51 -12.67
C PRO A 446 0.63 13.65 -11.34
N PRO A 447 0.03 14.35 -10.36
CA PRO A 447 0.67 14.53 -9.05
C PRO A 447 0.91 13.15 -8.40
N VAL A 448 2.15 12.87 -8.03
CA VAL A 448 2.49 11.58 -7.42
C VAL A 448 3.09 11.67 -6.02
N PHE A 449 2.62 10.82 -5.13
CA PHE A 449 3.14 10.74 -3.76
C PHE A 449 3.67 9.32 -3.57
N ILE A 450 4.85 9.18 -2.97
CA ILE A 450 5.36 7.85 -2.67
C ILE A 450 4.64 7.60 -1.34
N THR A 451 3.55 6.86 -1.39
CA THR A 451 2.74 6.59 -0.21
C THR A 451 3.26 5.47 0.68
N GLU A 452 4.23 4.72 0.18
CA GLU A 452 4.85 3.63 0.93
C GLU A 452 6.25 3.39 0.40
N ASN A 453 7.21 3.19 1.30
CA ASN A 453 8.60 2.94 0.91
C ASN A 453 9.36 2.62 2.20
N GLY A 454 10.05 1.49 2.20
CA GLY A 454 10.82 1.09 3.38
C GLY A 454 11.26 -0.36 3.32
N ILE A 455 11.83 -0.84 4.43
CA ILE A 455 12.31 -2.21 4.53
C ILE A 455 11.96 -2.79 5.89
N ALA A 456 12.17 -4.09 6.03
CA ALA A 456 11.90 -4.74 7.29
C ALA A 456 13.17 -5.21 7.97
N ASP A 457 13.14 -5.18 9.29
CA ASP A 457 14.24 -5.73 10.09
C ASP A 457 13.53 -6.99 10.56
N VAL A 458 14.11 -8.15 10.24
CA VAL A 458 13.51 -9.43 10.59
C VAL A 458 14.05 -10.03 11.89
N GLU A 459 13.16 -10.59 12.69
CA GLU A 459 13.56 -11.21 13.94
C GLU A 459 14.35 -12.47 13.61
N GLY A 460 15.49 -12.65 14.27
CA GLY A 460 16.30 -13.82 13.99
C GLY A 460 17.48 -13.48 13.12
N ASP A 461 17.45 -12.29 12.53
CA ASP A 461 18.55 -11.84 11.69
C ASP A 461 19.60 -11.32 12.66
N GLU A 462 20.72 -12.03 12.77
CA GLU A 462 21.76 -11.60 13.68
C GLU A 462 22.64 -10.45 13.22
N SER A 463 22.35 -9.91 12.03
CA SER A 463 23.14 -8.78 11.53
C SER A 463 22.37 -7.51 11.92
N MET A 464 21.29 -7.70 12.67
CA MET A 464 20.43 -6.61 13.14
C MET A 464 20.07 -6.96 14.58
N PRO A 465 21.07 -7.00 15.48
CA PRO A 465 20.89 -7.31 16.90
C PRO A 465 20.21 -6.22 17.74
N ASP A 466 20.46 -4.96 17.40
CA ASP A 466 19.84 -3.86 18.11
C ASP A 466 18.74 -3.29 17.22
N PRO A 467 17.47 -3.49 17.61
CA PRO A 467 16.32 -3.01 16.84
C PRO A 467 16.26 -1.49 16.63
N LEU A 468 17.03 -0.73 17.40
CA LEU A 468 17.03 0.71 17.25
C LEU A 468 18.14 1.17 16.29
N ASP A 469 19.16 0.33 16.14
CA ASP A 469 20.27 0.67 15.25
C ASP A 469 19.96 0.26 13.82
N ASP A 470 18.96 0.90 13.21
CA ASP A 470 18.55 0.56 11.86
C ASP A 470 19.23 1.40 10.78
N TRP A 471 20.56 1.36 10.75
CA TRP A 471 21.32 2.12 9.77
C TRP A 471 21.07 1.63 8.35
N LYS A 472 20.66 0.37 8.22
CA LYS A 472 20.37 -0.21 6.92
C LYS A 472 19.09 0.41 6.36
N ARG A 473 18.06 0.51 7.20
CA ARG A 473 16.79 1.13 6.78
C ARG A 473 17.08 2.58 6.41
N LEU A 474 17.91 3.23 7.22
CA LEU A 474 18.25 4.63 6.98
C LEU A 474 18.93 4.82 5.62
N ASP A 475 19.90 3.97 5.31
CA ASP A 475 20.60 4.08 4.04
C ASP A 475 19.63 3.82 2.89
N TYR A 476 18.81 2.80 3.03
CA TYR A 476 17.82 2.47 2.00
C TYR A 476 16.90 3.68 1.76
N LEU A 477 16.38 4.26 2.83
CA LEU A 477 15.48 5.41 2.70
C LEU A 477 16.15 6.61 2.07
N GLN A 478 17.40 6.88 2.46
CA GLN A 478 18.12 8.01 1.90
C GLN A 478 18.34 7.81 0.41
N ARG A 479 18.63 6.57 0.00
CA ARG A 479 18.84 6.25 -1.41
C ARG A 479 17.57 6.42 -2.24
N HIS A 480 16.43 6.07 -1.66
CA HIS A 480 15.18 6.20 -2.39
C HIS A 480 14.70 7.64 -2.42
N ILE A 481 15.02 8.40 -1.38
CA ILE A 481 14.65 9.80 -1.34
C ILE A 481 15.48 10.48 -2.42
N SER A 482 16.72 10.02 -2.59
CA SER A 482 17.61 10.57 -3.61
C SER A 482 17.07 10.20 -5.00
N ALA A 483 16.56 8.98 -5.12
CA ALA A 483 15.99 8.50 -6.39
C ALA A 483 14.78 9.36 -6.77
N VAL A 484 14.03 9.82 -5.76
CA VAL A 484 12.87 10.67 -6.01
C VAL A 484 13.39 12.03 -6.50
N LYS A 485 14.51 12.47 -5.93
CA LYS A 485 15.10 13.74 -6.33
C LYS A 485 15.49 13.64 -7.81
N ASP A 486 16.06 12.51 -8.20
CA ASP A 486 16.46 12.31 -9.59
C ASP A 486 15.25 12.45 -10.51
N ALA A 487 14.14 11.84 -10.13
CA ALA A 487 12.91 11.90 -10.93
C ALA A 487 12.41 13.34 -11.03
N ILE A 488 12.42 14.05 -9.91
CA ILE A 488 11.97 15.43 -9.90
C ILE A 488 12.89 16.25 -10.81
N ASP A 489 14.19 15.98 -10.74
CA ASP A 489 15.15 16.69 -11.58
C ASP A 489 14.84 16.45 -13.06
N GLN A 490 14.26 15.30 -13.36
CA GLN A 490 13.94 14.96 -14.74
C GLN A 490 12.51 15.32 -15.13
N GLY A 491 11.85 16.15 -14.32
CA GLY A 491 10.50 16.58 -14.65
C GLY A 491 9.31 15.84 -14.06
N ALA A 492 9.53 14.77 -13.31
CA ALA A 492 8.42 14.03 -12.70
C ALA A 492 7.76 14.88 -11.62
N ASP A 493 6.44 14.91 -11.62
CA ASP A 493 5.68 15.71 -10.65
C ASP A 493 5.45 14.93 -9.34
N VAL A 494 6.53 14.70 -8.59
CA VAL A 494 6.47 13.97 -7.33
C VAL A 494 6.24 14.99 -6.22
N ARG A 495 5.17 14.81 -5.44
CA ARG A 495 4.79 15.74 -4.39
C ARG A 495 5.19 15.41 -2.95
N GLY A 496 5.58 14.17 -2.69
CA GLY A 496 5.95 13.81 -1.34
C GLY A 496 6.45 12.39 -1.19
N HIS A 497 6.98 12.09 -0.01
CA HIS A 497 7.52 10.77 0.29
C HIS A 497 7.07 10.32 1.68
N PHE A 498 6.27 9.27 1.72
CA PHE A 498 5.77 8.74 3.00
C PHE A 498 6.45 7.40 3.24
N THR A 499 7.26 7.34 4.29
CA THR A 499 7.97 6.13 4.64
C THR A 499 7.00 5.06 5.15
N TRP A 500 7.08 3.82 4.59
CA TRP A 500 6.21 2.85 5.23
C TRP A 500 6.82 2.34 6.53
N GLY A 501 6.10 2.61 7.53
CA GLY A 501 6.54 2.23 8.83
C GLY A 501 6.64 3.43 9.74
N LEU A 502 5.52 4.04 10.13
CA LEU A 502 5.64 5.11 11.10
C LEU A 502 6.16 4.34 12.32
N ILE A 503 5.53 3.20 12.60
CA ILE A 503 5.94 2.34 13.73
C ILE A 503 5.83 0.87 13.32
N ASP A 504 6.54 0.00 14.05
CA ASP A 504 6.48 -1.42 13.76
C ASP A 504 5.00 -1.82 13.88
N ASN A 505 4.55 -2.76 13.06
CA ASN A 505 3.15 -3.16 13.10
C ASN A 505 2.91 -4.62 12.72
N PHE A 506 1.64 -4.98 12.58
CA PHE A 506 1.28 -6.35 12.19
C PHE A 506 1.46 -6.45 10.67
N GLU A 507 2.52 -7.14 10.25
CA GLU A 507 2.80 -7.28 8.83
C GLU A 507 2.09 -8.46 8.18
N TRP A 508 0.76 -8.43 8.24
CA TRP A 508 -0.07 -9.47 7.64
C TRP A 508 0.44 -10.89 7.90
N SER A 509 0.50 -11.72 6.86
CA SER A 509 0.93 -13.11 7.05
C SER A 509 2.30 -13.33 7.69
N LEU A 510 3.06 -12.25 7.91
CA LEU A 510 4.36 -12.39 8.54
C LEU A 510 4.32 -11.93 10.00
N GLY A 511 3.13 -11.59 10.47
CA GLY A 511 2.97 -11.15 11.85
C GLY A 511 3.92 -10.03 12.26
N TYR A 512 4.38 -10.10 13.49
CA TYR A 512 5.26 -9.06 14.03
C TYR A 512 6.72 -9.41 13.78
N SER A 513 7.01 -10.55 13.17
CA SER A 513 8.37 -10.96 12.88
C SER A 513 9.13 -9.97 11.99
N SER A 514 8.39 -9.10 11.30
CA SER A 514 8.97 -8.08 10.43
C SER A 514 8.71 -6.69 10.98
N ARG A 515 9.77 -5.95 11.28
CA ARG A 515 9.65 -4.60 11.81
C ARG A 515 9.95 -3.61 10.69
N PHE A 516 8.93 -2.86 10.27
CA PHE A 516 9.04 -1.88 9.19
C PHE A 516 9.07 -0.43 9.68
N GLY A 517 8.95 -0.22 10.98
CA GLY A 517 8.89 1.13 11.49
C GLY A 517 10.12 2.01 11.63
N LEU A 518 9.88 3.32 11.58
CA LEU A 518 10.91 4.31 11.78
C LEU A 518 10.98 4.37 13.30
N VAL A 519 9.84 4.04 13.92
CA VAL A 519 9.68 4.06 15.36
C VAL A 519 9.42 2.67 15.91
N TYR A 520 10.29 2.24 16.83
CA TYR A 520 10.19 0.94 17.46
C TYR A 520 8.99 0.87 18.39
N ILE A 521 8.36 -0.30 18.43
CA ILE A 521 7.23 -0.52 19.33
C ILE A 521 7.76 -1.60 20.28
N ASP A 522 8.00 -1.24 21.54
CA ASP A 522 8.53 -2.21 22.49
C ASP A 522 7.35 -3.02 23.05
N LYS A 523 7.08 -4.14 22.41
CA LYS A 523 5.96 -4.98 22.82
C LYS A 523 6.14 -5.56 24.22
N ASN A 524 7.37 -5.56 24.73
CA ASN A 524 7.61 -6.07 26.07
C ASN A 524 7.57 -4.96 27.12
N ASP A 525 7.53 -3.72 26.66
CA ASP A 525 7.49 -2.57 27.56
C ASP A 525 6.24 -1.73 27.28
N GLY A 526 5.07 -2.37 27.37
CA GLY A 526 3.81 -1.70 27.15
C GLY A 526 3.58 -1.03 25.80
N ASN A 527 4.17 -1.58 24.75
CA ASN A 527 4.01 -1.02 23.41
C ASN A 527 4.54 0.41 23.30
N LYS A 528 5.56 0.74 24.09
CA LYS A 528 6.18 2.06 24.07
C LYS A 528 6.76 2.38 22.71
N ARG A 529 6.66 3.65 22.32
CA ARG A 529 7.22 4.12 21.05
C ARG A 529 8.65 4.57 21.33
N LYS A 530 9.62 4.05 20.60
CA LYS A 530 11.02 4.46 20.77
C LYS A 530 11.64 4.75 19.41
N LEU A 531 12.08 5.98 19.20
CA LEU A 531 12.67 6.40 17.93
C LEU A 531 13.93 5.61 17.60
N LYS A 532 14.01 5.12 16.36
CA LYS A 532 15.18 4.38 15.90
C LYS A 532 16.16 5.38 15.29
N LYS A 533 17.33 4.92 14.87
CA LYS A 533 18.33 5.79 14.27
C LYS A 533 17.73 6.51 13.06
N SER A 534 16.94 5.79 12.27
CA SER A 534 16.31 6.38 11.10
C SER A 534 15.44 7.57 11.50
N ALA A 535 14.59 7.36 12.51
CA ALA A 535 13.71 8.42 13.00
C ALA A 535 14.49 9.65 13.44
N LYS A 536 15.61 9.43 14.13
CA LYS A 536 16.42 10.54 14.60
C LYS A 536 17.06 11.30 13.44
N TRP A 537 17.36 10.58 12.36
CA TRP A 537 17.94 11.24 11.18
C TRP A 537 16.87 12.20 10.64
N PHE A 538 15.62 11.77 10.62
CA PHE A 538 14.56 12.64 10.12
C PHE A 538 14.43 13.90 10.97
N SER A 539 14.63 13.76 12.28
CA SER A 539 14.54 14.93 13.16
C SER A 539 15.56 15.97 12.72
N LYS A 540 16.77 15.52 12.41
CA LYS A 540 17.83 16.40 11.97
C LYS A 540 17.50 16.92 10.56
N PHE A 541 17.16 15.99 9.67
CA PHE A 541 16.81 16.29 8.29
C PHE A 541 15.77 17.42 8.21
N ASN A 542 14.74 17.31 9.05
CA ASN A 542 13.65 18.27 9.11
C ASN A 542 13.90 19.47 10.01
N SER A 543 15.11 19.58 10.56
CA SER A 543 15.47 20.69 11.43
C SER A 543 14.53 20.89 12.63
N VAL A 544 14.13 19.80 13.26
CA VAL A 544 13.25 19.89 14.42
C VAL A 544 13.98 20.54 15.59
N PRO A 545 13.39 21.57 16.21
CA PRO A 545 14.05 22.22 17.35
C PRO A 545 14.39 21.21 18.43
N LYS A 546 15.56 21.35 19.03
CA LYS A 546 16.01 20.45 20.08
C LYS A 546 15.49 20.90 21.44
N PRO A 547 15.24 19.94 22.35
CA PRO A 547 14.74 20.25 23.70
C PRO A 547 15.78 20.91 24.59
#